data_4KHX
#
_entry.id   4KHX
#
_cell.length_a   106.814
_cell.length_b   106.814
_cell.length_c   98.537
_cell.angle_alpha   90.00
_cell.angle_beta   90.00
_cell.angle_gamma   120.00
#
_symmetry.space_group_name_H-M   'P 3 2 1'
#
loop_
_entity.id
_entity.type
_entity.pdbx_description
1 polymer 'gp41 helix'
2 polymer '8062 heavy chain'
3 polymer '8062 light chain'
#
loop_
_entity_poly.entity_id
_entity_poly.type
_entity_poly.pdbx_seq_one_letter_code
_entity_poly.pdbx_strand_id
1 'polypeptide(L)' GCCGGIKKEIEAIKKEQEAIKKKIEAIEKELSGIVQQQNNLLRAIEAQQHLLQLTVWGIKQLQARIL A
2 'polypeptide(L)'
;QVQLVQSGAEVKKPGSSVKVSCKASGGTFNSYAFSWVRQAPGQGLEWMGSIIPLFGFVVYAQKFQGRVTITADESTSTAY
MELSSLRSEDTAVYYCARYFDTYNNYGFANWGQGTLVTVSSASTKGPSVFPLAPSSKSTSGGTAALGCLVKDYFPEPVTV
SWNSGALTSGVHTFPAVLQSSGLYSLSSVVTVPSSSLGTQTYICNVNHKPSNTKVDKKVEPKSEFEQKLISEEDLNGAPH
HHHHH
;
H
3 'polypeptide(L)'
;DIELTQPPSVSVVPGQTARISCSGDNIPYEYASWYQQKPGQAPVLVIYGDNNRPSGIPERFSGSNSGNTATLTISGTQAE
DEADYYCASWDSMTVDGVFGGGTKLTVLGQPKAAPSVTLFPPSSEELQANKATLVCLISDFYPGAVTVAWKADSSPVKAG
VETTTPSKQSNNKYAASSYLSLTPEQWKSHRSYSCQVTHEGSTVEKTVAPTEA
;
L
#
# COMPACT_ATOMS: atom_id res chain seq x y z
N CYS A 2 7.71 -84.29 30.46
CA CYS A 2 7.24 -83.12 29.71
C CYS A 2 7.07 -81.93 30.65
N CYS A 3 6.25 -82.10 31.68
CA CYS A 3 6.04 -81.05 32.68
C CYS A 3 7.20 -81.00 33.66
N GLY A 4 6.88 -80.68 34.92
CA GLY A 4 7.89 -80.59 35.96
C GLY A 4 8.76 -79.35 35.83
N GLY A 5 9.51 -79.28 34.74
CA GLY A 5 10.38 -78.15 34.48
C GLY A 5 9.63 -76.92 34.01
N ILE A 6 8.47 -77.14 33.37
CA ILE A 6 7.65 -76.07 32.86
C ILE A 6 7.20 -75.11 33.96
N LYS A 7 7.03 -75.64 35.17
CA LYS A 7 6.57 -74.85 36.31
C LYS A 7 7.51 -73.69 36.64
N LYS A 8 8.81 -74.01 36.80
CA LYS A 8 9.80 -72.99 37.14
C LYS A 8 10.10 -72.06 35.97
N GLU A 9 10.08 -72.60 34.76
CA GLU A 9 10.45 -71.84 33.57
C GLU A 9 9.54 -70.64 33.31
N ILE A 10 8.27 -70.78 33.66
CA ILE A 10 7.29 -69.71 33.46
C ILE A 10 7.62 -68.48 34.31
N GLU A 11 8.06 -68.73 35.54
CA GLU A 11 8.40 -67.65 36.47
C GLU A 11 9.46 -66.69 35.91
N ALA A 12 10.56 -67.25 35.42
CA ALA A 12 11.68 -66.46 34.94
C ALA A 12 11.37 -65.70 33.64
N ILE A 13 10.55 -66.30 32.79
CA ILE A 13 10.18 -65.65 31.53
C ILE A 13 8.96 -64.73 31.76
N LYS A 14 8.70 -64.43 33.02
CA LYS A 14 7.80 -63.33 33.34
C LYS A 14 8.62 -62.23 34.00
N LYS A 15 9.46 -62.60 34.97
CA LYS A 15 10.34 -61.65 35.66
C LYS A 15 11.28 -60.92 34.69
N GLU A 16 12.13 -61.69 34.01
CA GLU A 16 13.11 -61.13 33.08
C GLU A 16 12.43 -60.35 31.97
N GLN A 17 11.20 -60.75 31.64
CA GLN A 17 10.46 -60.13 30.56
C GLN A 17 9.37 -59.19 31.09
N GLU A 18 9.53 -58.73 32.33
CA GLU A 18 8.70 -57.66 32.88
C GLU A 18 9.64 -56.55 33.32
N ALA A 19 10.85 -56.95 33.68
CA ALA A 19 11.93 -56.01 33.96
C ALA A 19 12.31 -55.35 32.64
N ILE A 20 12.01 -56.04 31.54
CA ILE A 20 12.15 -55.48 30.21
C ILE A 20 11.11 -54.38 30.01
N LYS A 21 9.88 -54.63 30.43
CA LYS A 21 8.82 -53.63 30.36
C LYS A 21 9.24 -52.34 31.02
N LYS A 22 9.76 -52.44 32.25
CA LYS A 22 10.24 -51.27 32.99
C LYS A 22 11.42 -50.63 32.29
N LYS A 23 12.31 -51.48 31.77
CA LYS A 23 13.50 -51.04 31.05
C LYS A 23 13.09 -50.19 29.85
N ILE A 24 11.93 -50.51 29.28
CA ILE A 24 11.39 -49.81 28.12
C ILE A 24 10.79 -48.46 28.47
N GLU A 25 10.05 -48.39 29.57
CA GLU A 25 9.32 -47.17 29.91
C GLU A 25 10.30 -46.06 30.30
N ALA A 26 11.47 -46.46 30.80
CA ALA A 26 12.52 -45.54 31.19
C ALA A 26 13.30 -45.05 29.98
N ILE A 27 13.19 -45.80 28.88
CA ILE A 27 13.82 -45.41 27.63
C ILE A 27 12.95 -44.42 26.88
N GLU A 28 11.64 -44.65 26.93
CA GLU A 28 10.70 -43.73 26.31
C GLU A 28 10.72 -42.38 27.01
N LYS A 29 11.11 -42.39 28.27
CA LYS A 29 11.14 -41.16 29.07
C LYS A 29 12.43 -40.38 28.82
N GLU A 30 13.52 -41.10 28.61
CA GLU A 30 14.77 -40.47 28.19
C GLU A 30 14.62 -39.90 26.79
N LEU A 31 13.76 -40.55 26.01
CA LEU A 31 13.49 -40.15 24.63
C LEU A 31 12.79 -38.80 24.55
N SER A 32 11.71 -38.66 25.31
CA SER A 32 10.91 -37.43 25.28
C SER A 32 11.67 -36.26 25.89
N GLY A 33 12.61 -36.56 26.77
CA GLY A 33 13.43 -35.54 27.39
C GLY A 33 14.52 -35.07 26.44
N ILE A 34 14.87 -35.93 25.49
CA ILE A 34 15.89 -35.63 24.49
C ILE A 34 15.31 -34.85 23.32
N VAL A 35 14.14 -35.30 22.84
CA VAL A 35 13.40 -34.56 21.83
C VAL A 35 13.17 -33.13 22.32
N GLN A 36 12.80 -33.01 23.59
CA GLN A 36 12.59 -31.71 24.24
C GLN A 36 13.85 -30.86 24.16
N GLN A 37 14.96 -31.41 24.62
CA GLN A 37 16.23 -30.70 24.68
C GLN A 37 16.71 -30.32 23.29
N GLN A 38 16.38 -31.18 22.33
CA GLN A 38 16.79 -30.96 20.95
C GLN A 38 16.09 -29.75 20.35
N ASN A 39 14.78 -29.65 20.58
CA ASN A 39 14.00 -28.55 20.03
C ASN A 39 14.42 -27.20 20.61
N ASN A 40 14.94 -27.23 21.83
CA ASN A 40 15.46 -26.04 22.49
C ASN A 40 16.74 -25.55 21.82
N LEU A 41 17.62 -26.48 21.46
CA LEU A 41 18.85 -26.14 20.74
C LEU A 41 18.49 -25.61 19.36
N LEU A 42 17.41 -26.14 18.81
CA LEU A 42 16.93 -25.73 17.50
C LEU A 42 16.60 -24.23 17.51
N ARG A 43 15.76 -23.82 18.46
CA ARG A 43 15.36 -22.42 18.55
C ARG A 43 16.53 -21.55 19.00
N ALA A 44 17.46 -22.14 19.73
CA ALA A 44 18.66 -21.42 20.17
C ALA A 44 19.51 -21.04 18.97
N ILE A 45 19.80 -22.04 18.14
CA ILE A 45 20.59 -21.83 16.93
C ILE A 45 19.91 -20.85 15.96
N GLU A 46 18.61 -20.97 15.80
CA GLU A 46 17.87 -20.08 14.90
C GLU A 46 17.90 -18.64 15.38
N ALA A 47 17.92 -18.46 16.70
CA ALA A 47 18.01 -17.13 17.27
C ALA A 47 19.41 -16.59 17.06
N GLN A 48 20.40 -17.48 17.16
CA GLN A 48 21.80 -17.13 16.95
C GLN A 48 22.08 -16.66 15.52
N GLN A 49 21.64 -17.43 14.53
CA GLN A 49 21.95 -17.11 13.14
C GLN A 49 21.30 -15.81 12.66
N HIS A 50 20.18 -15.44 13.27
CA HIS A 50 19.52 -14.20 12.93
C HIS A 50 20.31 -13.03 13.48
N LEU A 51 20.81 -13.20 14.70
CA LEU A 51 21.65 -12.19 15.33
C LEU A 51 22.97 -12.04 14.57
N LEU A 52 23.55 -13.18 14.18
CA LEU A 52 24.80 -13.18 13.42
C LEU A 52 24.63 -12.40 12.13
N GLN A 53 23.61 -12.75 11.36
CA GLN A 53 23.35 -12.10 10.08
C GLN A 53 23.15 -10.61 10.26
N LEU A 54 22.58 -10.24 11.40
CA LEU A 54 22.30 -8.85 11.70
C LEU A 54 23.61 -8.10 11.97
N THR A 55 24.54 -8.77 12.66
CA THR A 55 25.84 -8.19 12.99
C THR A 55 26.77 -8.15 11.78
N VAL A 56 26.69 -9.18 10.92
CA VAL A 56 27.43 -9.18 9.67
C VAL A 56 27.00 -7.98 8.83
N TRP A 57 25.68 -7.73 8.82
CA TRP A 57 25.12 -6.63 8.07
C TRP A 57 25.54 -5.32 8.72
N GLY A 58 25.63 -5.32 10.05
CA GLY A 58 26.00 -4.12 10.77
C GLY A 58 27.40 -3.64 10.46
N ILE A 59 28.34 -4.58 10.33
CA ILE A 59 29.73 -4.28 10.05
C ILE A 59 29.86 -3.79 8.61
N LYS A 60 29.14 -4.46 7.73
CA LYS A 60 29.02 -4.03 6.34
C LYS A 60 28.63 -2.56 6.22
N GLN A 61 27.59 -2.15 6.96
CA GLN A 61 27.11 -0.78 6.89
C GLN A 61 28.10 0.18 7.52
N LEU A 62 28.76 -0.28 8.58
CA LEU A 62 29.72 0.51 9.32
C LEU A 62 30.93 0.87 8.45
N GLN A 63 31.51 -0.13 7.79
CA GLN A 63 32.70 0.09 6.98
C GLN A 63 32.41 0.99 5.78
N ALA A 64 31.17 0.92 5.28
CA ALA A 64 30.75 1.73 4.14
C ALA A 64 30.56 3.17 4.56
N ARG A 65 29.94 3.36 5.71
CA ARG A 65 29.71 4.68 6.29
C ARG A 65 31.03 5.37 6.59
N ILE A 66 32.10 4.57 6.69
CA ILE A 66 33.40 5.08 7.10
C ILE A 66 34.45 5.10 5.98
N LEU A 67 34.78 3.92 5.47
CA LEU A 67 35.79 3.83 4.41
C LEU A 67 35.31 4.47 3.12
N GLN B 3 1.11 -4.42 11.79
CA GLN B 3 2.45 -4.31 12.35
C GLN B 3 2.96 -2.88 12.33
N LEU B 4 3.32 -2.40 11.14
CA LEU B 4 3.85 -1.04 11.01
C LEU B 4 2.74 -0.01 10.84
N VAL B 5 2.92 1.13 11.50
CA VAL B 5 1.97 2.23 11.37
C VAL B 5 2.70 3.55 11.54
N GLN B 6 2.58 4.41 10.53
CA GLN B 6 3.31 5.67 10.49
C GLN B 6 2.45 6.86 10.94
N SER B 7 3.10 8.00 11.14
CA SER B 7 2.42 9.22 11.55
C SER B 7 1.63 9.80 10.39
N GLY B 8 0.77 10.78 10.69
CA GLY B 8 -0.16 11.33 9.73
C GLY B 8 0.45 12.22 8.65
N ALA B 9 -0.34 12.54 7.63
CA ALA B 9 0.13 13.41 6.55
C ALA B 9 0.46 14.81 7.07
N GLU B 10 1.25 15.55 6.30
CA GLU B 10 1.74 16.85 6.77
C GLU B 10 2.03 17.86 5.65
N VAL B 11 2.04 19.13 6.01
CA VAL B 11 2.35 20.22 5.09
C VAL B 11 3.53 21.02 5.62
N LYS B 12 4.57 21.15 4.83
CA LYS B 12 5.75 21.88 5.26
C LYS B 12 6.15 23.01 4.32
N LYS B 13 6.42 24.18 4.89
CA LYS B 13 6.89 25.33 4.14
C LYS B 13 8.28 25.03 3.61
N PRO B 14 8.59 25.52 2.39
CA PRO B 14 9.93 25.35 1.81
C PRO B 14 11.04 25.84 2.74
N GLY B 15 11.92 24.93 3.13
CA GLY B 15 13.02 25.26 4.01
C GLY B 15 12.84 24.68 5.40
N SER B 16 11.64 24.21 5.69
CA SER B 16 11.33 23.62 6.98
C SER B 16 11.83 22.18 7.08
N SER B 17 11.54 21.55 8.22
CA SER B 17 11.92 20.16 8.46
C SER B 17 10.69 19.35 8.83
N VAL B 18 10.82 18.04 8.78
CA VAL B 18 9.71 17.15 9.15
C VAL B 18 10.21 15.83 9.74
N LYS B 19 9.59 15.41 10.83
CA LYS B 19 9.91 14.13 11.45
C LYS B 19 8.76 13.14 11.28
N VAL B 20 9.05 11.99 10.67
CA VAL B 20 8.02 10.98 10.45
C VAL B 20 8.27 9.77 11.35
N SER B 21 7.25 9.40 12.13
CA SER B 21 7.35 8.26 13.04
C SER B 21 6.86 6.97 12.37
N CYS B 22 7.20 5.83 12.97
CA CYS B 22 6.78 4.53 12.46
C CYS B 22 6.86 3.48 13.55
N LYS B 23 5.81 3.38 14.36
CA LYS B 23 5.79 2.44 15.48
C LYS B 23 5.54 1.00 15.01
N ALA B 24 6.51 0.13 15.25
CA ALA B 24 6.38 -1.28 14.94
C ALA B 24 5.78 -2.03 16.12
N SER B 25 5.16 -3.17 15.85
CA SER B 25 4.52 -3.96 16.88
C SER B 25 4.35 -5.43 16.48
N GLY B 26 4.74 -6.34 17.37
CA GLY B 26 4.57 -7.76 17.12
C GLY B 26 5.86 -8.56 17.09
N GLY B 27 6.71 -8.34 18.08
CA GLY B 27 7.97 -9.08 18.19
C GLY B 27 9.06 -8.29 18.87
N THR B 28 10.25 -8.90 18.96
CA THR B 28 11.40 -8.23 19.56
C THR B 28 11.90 -7.09 18.66
N PHE B 29 11.91 -5.87 19.19
CA PHE B 29 12.26 -4.67 18.41
C PHE B 29 13.75 -4.59 18.03
N ASN B 30 14.61 -5.24 18.81
CA ASN B 30 16.06 -5.18 18.56
C ASN B 30 16.55 -6.14 17.48
N SER B 31 15.67 -7.07 17.10
CA SER B 31 15.96 -7.99 16.00
C SER B 31 15.31 -7.48 14.71
N TYR B 32 15.02 -6.18 14.65
CA TYR B 32 14.47 -5.59 13.45
C TYR B 32 15.57 -4.91 12.62
N ALA B 33 15.33 -4.80 11.32
CA ALA B 33 16.08 -3.89 10.47
C ALA B 33 15.11 -2.95 9.77
N PHE B 34 15.42 -1.67 9.69
CA PHE B 34 14.51 -0.69 9.10
C PHE B 34 15.11 0.04 7.91
N SER B 35 14.24 0.51 7.01
CA SER B 35 14.63 1.37 5.90
C SER B 35 13.51 2.32 5.55
N TRP B 36 13.87 3.51 5.06
CA TRP B 36 12.89 4.51 4.69
C TRP B 36 12.83 4.67 3.18
N VAL B 37 11.71 4.30 2.58
CA VAL B 37 11.51 4.42 1.15
C VAL B 37 10.43 5.48 0.88
N ARG B 38 10.71 6.37 -0.06
CA ARG B 38 9.72 7.37 -0.44
C ARG B 38 9.31 7.17 -1.89
N GLN B 39 8.13 7.67 -2.24
CA GLN B 39 7.60 7.54 -3.59
C GLN B 39 6.92 8.83 -4.02
N ALA B 40 7.56 9.56 -4.93
CA ALA B 40 6.98 10.78 -5.47
C ALA B 40 5.72 10.46 -6.29
N PRO B 41 4.74 11.37 -6.28
CA PRO B 41 3.45 11.15 -6.96
C PRO B 41 3.59 10.78 -8.43
N GLY B 42 3.36 9.50 -8.73
CA GLY B 42 3.37 9.02 -10.10
C GLY B 42 4.64 8.28 -10.47
N GLN B 43 5.67 8.43 -9.65
CA GLN B 43 6.97 7.83 -9.95
C GLN B 43 7.20 6.55 -9.15
N GLY B 44 8.43 6.04 -9.20
CA GLY B 44 8.76 4.80 -8.52
C GLY B 44 9.26 5.01 -7.10
N LEU B 45 9.81 3.96 -6.50
CA LEU B 45 10.26 3.98 -5.12
C LEU B 45 11.71 4.45 -5.04
N GLU B 46 12.04 5.20 -3.99
CA GLU B 46 13.41 5.66 -3.77
C GLU B 46 13.89 5.39 -2.35
N TRP B 47 14.88 4.51 -2.24
CA TRP B 47 15.45 4.14 -0.95
C TRP B 47 16.27 5.30 -0.39
N MET B 48 15.94 5.73 0.82
CA MET B 48 16.59 6.90 1.40
C MET B 48 17.67 6.54 2.42
N GLY B 49 17.33 5.68 3.37
CA GLY B 49 18.29 5.24 4.37
C GLY B 49 17.91 3.90 4.99
N SER B 50 18.70 3.47 5.97
CA SER B 50 18.42 2.22 6.68
C SER B 50 19.08 2.18 8.05
N ILE B 51 18.29 1.88 9.08
CA ILE B 51 18.80 1.78 10.43
C ILE B 51 18.58 0.39 11.03
N ILE B 52 19.56 -0.07 11.81
CA ILE B 52 19.40 -1.27 12.62
C ILE B 52 19.39 -0.87 14.09
N PRO B 53 18.19 -0.83 14.71
CA PRO B 53 17.91 -0.34 16.06
C PRO B 53 18.86 -0.90 17.12
N LEU B 54 19.31 -2.13 16.92
CA LEU B 54 20.21 -2.79 17.85
C LEU B 54 21.56 -2.06 17.92
N PHE B 55 22.00 -1.53 16.79
CA PHE B 55 23.32 -0.89 16.72
C PHE B 55 23.26 0.63 16.84
N GLY B 56 22.08 1.19 16.56
CA GLY B 56 21.84 2.61 16.77
C GLY B 56 22.61 3.55 15.86
N PHE B 57 22.71 3.20 14.59
CA PHE B 57 23.26 4.10 13.57
C PHE B 57 22.67 3.81 12.20
N VAL B 58 22.87 4.74 11.26
CA VAL B 58 22.21 4.69 9.97
C VAL B 58 23.16 4.76 8.77
N VAL B 59 22.71 4.20 7.65
CA VAL B 59 23.34 4.41 6.35
C VAL B 59 22.37 5.22 5.49
N TYR B 60 22.88 6.22 4.76
CA TYR B 60 22.04 7.05 3.91
C TYR B 60 22.43 6.96 2.44
N ALA B 61 21.43 7.04 1.56
CA ALA B 61 21.69 7.21 0.14
C ALA B 61 22.31 8.58 -0.04
N GLN B 62 23.36 8.68 -0.85
CA GLN B 62 24.17 9.89 -0.90
C GLN B 62 23.46 11.13 -1.49
N LYS B 63 22.28 10.93 -2.08
CA LYS B 63 21.49 12.07 -2.54
C LYS B 63 20.86 12.75 -1.32
N PHE B 64 20.80 12.01 -0.23
CA PHE B 64 20.12 12.46 0.98
C PHE B 64 21.08 12.77 2.12
N GLN B 65 22.37 12.51 1.90
CA GLN B 65 23.38 12.69 2.93
C GLN B 65 23.41 14.12 3.46
N GLY B 66 23.05 14.29 4.73
CA GLY B 66 23.07 15.59 5.39
C GLY B 66 21.68 16.07 5.77
N ARG B 67 20.76 16.00 4.82
CA ARG B 67 19.40 16.48 5.01
C ARG B 67 18.55 15.52 5.81
N VAL B 68 18.84 14.23 5.66
CA VAL B 68 18.03 13.20 6.30
C VAL B 68 18.70 12.66 7.57
N THR B 69 17.90 12.44 8.62
CA THR B 69 18.36 11.82 9.84
C THR B 69 17.37 10.75 10.26
N ILE B 70 17.87 9.54 10.52
CA ILE B 70 17.04 8.42 10.93
C ILE B 70 17.42 7.98 12.33
N THR B 71 16.42 7.69 13.17
CA THR B 71 16.67 7.21 14.53
C THR B 71 15.59 6.23 14.97
N ALA B 72 15.99 5.20 15.71
CA ALA B 72 15.03 4.30 16.33
C ALA B 72 14.85 4.68 17.80
N ASP B 73 13.94 4.01 18.47
CA ASP B 73 13.72 4.22 19.90
C ASP B 73 13.13 2.95 20.49
N GLU B 74 14.00 2.08 21.02
CA GLU B 74 13.58 0.77 21.50
C GLU B 74 12.55 0.82 22.63
N SER B 75 12.56 1.92 23.39
CA SER B 75 11.64 2.05 24.51
C SER B 75 10.22 2.32 24.01
N THR B 76 10.13 2.88 22.82
CA THR B 76 8.83 3.22 22.23
C THR B 76 8.51 2.37 21.01
N SER B 77 9.45 1.47 20.64
CA SER B 77 9.30 0.61 19.47
C SER B 77 9.01 1.41 18.21
N THR B 78 9.79 2.46 17.97
CA THR B 78 9.48 3.40 16.90
C THR B 78 10.75 3.88 16.22
N ALA B 79 10.74 3.86 14.90
CA ALA B 79 11.83 4.44 14.12
C ALA B 79 11.42 5.81 13.57
N TYR B 80 12.39 6.71 13.46
CA TYR B 80 12.10 8.07 13.01
C TYR B 80 12.83 8.43 11.72
N MET B 81 12.17 9.21 10.87
CA MET B 81 12.79 9.78 9.68
C MET B 81 12.68 11.30 9.77
N GLU B 82 13.79 12.01 9.60
CA GLU B 82 13.74 13.47 9.58
C GLU B 82 14.49 14.09 8.40
N LEU B 83 13.73 14.67 7.47
CA LEU B 83 14.30 15.39 6.33
C LEU B 83 14.31 16.89 6.63
N SER B 84 15.43 17.54 6.33
CA SER B 84 15.57 18.97 6.59
C SER B 84 15.85 19.75 5.30
N SER B 85 15.71 21.07 5.37
CA SER B 85 15.85 21.94 4.20
C SER B 85 14.94 21.48 3.08
N LEU B 86 13.63 21.62 3.29
CA LEU B 86 12.63 21.07 2.39
C LEU B 86 12.42 21.87 1.11
N ARG B 87 12.34 21.15 0.00
CA ARG B 87 11.94 21.74 -1.28
C ARG B 87 10.88 20.84 -1.92
N SER B 88 10.16 21.39 -2.89
CA SER B 88 8.99 20.73 -3.47
C SER B 88 9.26 19.37 -4.12
N GLU B 89 10.52 19.10 -4.43
CA GLU B 89 10.89 17.79 -4.99
C GLU B 89 11.00 16.72 -3.91
N ASP B 90 10.60 17.08 -2.69
CA ASP B 90 10.58 16.14 -1.57
C ASP B 90 9.14 15.79 -1.21
N THR B 91 8.19 16.35 -1.96
CA THR B 91 6.77 16.03 -1.80
C THR B 91 6.50 14.61 -2.27
N ALA B 92 6.19 13.72 -1.33
CA ALA B 92 6.02 12.31 -1.65
C ALA B 92 5.34 11.57 -0.50
N VAL B 93 4.97 10.32 -0.75
CA VAL B 93 4.52 9.42 0.30
C VAL B 93 5.72 8.69 0.87
N TYR B 94 5.95 8.81 2.17
CA TYR B 94 7.13 8.23 2.79
C TYR B 94 6.81 6.93 3.54
N TYR B 95 7.48 5.85 3.18
CA TYR B 95 7.18 4.54 3.75
C TYR B 95 8.17 4.08 4.82
N CYS B 96 7.64 3.39 5.83
CA CYS B 96 8.46 2.69 6.80
C CYS B 96 8.46 1.22 6.40
N ALA B 97 9.65 0.67 6.18
CA ALA B 97 9.74 -0.70 5.67
C ALA B 97 10.76 -1.51 6.44
N ARG B 98 10.29 -2.61 7.02
CA ARG B 98 11.16 -3.49 7.79
C ARG B 98 11.56 -4.71 6.97
N TYR B 99 12.79 -5.18 7.20
CA TYR B 99 13.28 -6.38 6.53
C TYR B 99 14.01 -7.27 7.52
N PHE B 100 14.70 -8.28 6.99
CA PHE B 100 15.22 -9.38 7.79
C PHE B 100 14.11 -10.06 8.59
N ASP B 101 13.01 -10.37 7.93
CA ASP B 101 11.92 -11.13 8.53
C ASP B 101 12.48 -12.45 9.02
N THR B 102 13.20 -13.13 8.13
CA THR B 102 14.02 -14.27 8.51
C THR B 102 15.47 -13.93 8.17
N TYR B 103 16.38 -14.86 8.44
CA TYR B 103 17.81 -14.59 8.29
C TYR B 103 18.22 -14.31 6.84
N ASN B 104 17.66 -15.06 5.90
CA ASN B 104 18.05 -14.94 4.50
C ASN B 104 17.14 -14.02 3.67
N ASN B 105 16.15 -13.44 4.32
CA ASN B 105 15.20 -12.54 3.65
C ASN B 105 15.67 -11.09 3.70
N TYR B 106 16.37 -10.68 2.64
CA TYR B 106 16.88 -9.32 2.53
C TYR B 106 15.83 -8.39 1.93
N GLY B 107 14.67 -8.94 1.61
CA GLY B 107 13.58 -8.17 1.04
C GLY B 107 12.73 -7.51 2.11
N PHE B 108 12.19 -6.34 1.78
CA PHE B 108 11.32 -5.63 2.71
C PHE B 108 9.99 -6.37 2.87
N ALA B 109 9.89 -7.15 3.94
CA ALA B 109 8.74 -8.01 4.19
C ALA B 109 7.50 -7.25 4.66
N ASN B 110 7.70 -6.23 5.48
CA ASN B 110 6.58 -5.46 6.02
C ASN B 110 6.69 -3.96 5.73
N TRP B 111 5.57 -3.37 5.35
CA TRP B 111 5.50 -1.96 5.02
C TRP B 111 4.48 -1.22 5.87
N GLY B 112 4.72 0.08 6.07
CA GLY B 112 3.76 0.95 6.73
C GLY B 112 2.70 1.37 5.73
N GLN B 113 1.75 2.19 6.17
CA GLN B 113 0.66 2.60 5.30
C GLN B 113 1.07 3.74 4.37
N GLY B 114 2.10 4.49 4.79
CA GLY B 114 2.60 5.58 3.99
C GLY B 114 2.32 6.92 4.63
N THR B 115 3.08 7.94 4.24
CA THR B 115 2.89 9.26 4.80
C THR B 115 3.03 10.34 3.74
N LEU B 116 1.91 10.93 3.34
CA LEU B 116 1.92 11.93 2.30
C LEU B 116 2.44 13.26 2.85
N VAL B 117 3.70 13.56 2.56
CA VAL B 117 4.27 14.85 2.92
C VAL B 117 4.20 15.83 1.75
N THR B 118 3.51 16.94 1.96
CA THR B 118 3.38 17.95 0.91
C THR B 118 4.18 19.21 1.22
N VAL B 119 5.17 19.50 0.39
CA VAL B 119 5.95 20.73 0.53
C VAL B 119 5.30 21.87 -0.25
N SER B 120 4.71 22.81 0.47
CA SER B 120 4.01 23.93 -0.15
C SER B 120 4.10 25.21 0.67
N SER B 121 4.24 26.34 -0.02
CA SER B 121 4.30 27.65 0.62
C SER B 121 2.92 28.30 0.64
N ALA B 122 1.92 27.53 0.21
CA ALA B 122 0.54 28.00 0.19
C ALA B 122 -0.15 27.75 1.53
N SER B 123 -1.31 28.38 1.71
CA SER B 123 -2.05 28.31 2.97
C SER B 123 -2.87 27.03 3.06
N THR B 124 -2.96 26.47 4.27
CA THR B 124 -3.76 25.28 4.50
C THR B 124 -5.20 25.64 4.83
N LYS B 125 -6.08 25.52 3.84
CA LYS B 125 -7.50 25.81 4.03
C LYS B 125 -8.27 24.52 4.33
N GLY B 126 -9.24 24.63 5.23
CA GLY B 126 -10.05 23.48 5.60
C GLY B 126 -11.11 23.14 4.58
N PRO B 127 -11.68 21.94 4.67
CA PRO B 127 -12.71 21.47 3.73
C PRO B 127 -14.10 22.02 4.06
N SER B 128 -14.95 22.10 3.04
CA SER B 128 -16.34 22.47 3.22
C SER B 128 -17.22 21.29 2.83
N VAL B 129 -17.90 20.71 3.82
CA VAL B 129 -18.61 19.45 3.62
C VAL B 129 -20.11 19.63 3.34
N PHE B 130 -20.59 18.99 2.27
CA PHE B 130 -22.00 19.00 1.93
C PHE B 130 -22.49 17.59 1.62
N PRO B 131 -23.68 17.22 2.11
CA PRO B 131 -24.26 15.90 1.86
C PRO B 131 -24.90 15.81 0.48
N LEU B 132 -25.26 14.59 0.06
CA LEU B 132 -25.88 14.38 -1.24
C LEU B 132 -27.04 13.39 -1.15
N GLY B 142 -33.00 -2.70 -8.84
CA GLY B 142 -33.84 -1.52 -8.65
C GLY B 142 -33.61 -0.87 -7.30
N THR B 143 -32.34 -0.65 -6.96
CA THR B 143 -31.99 -0.07 -5.67
C THR B 143 -31.81 1.44 -5.76
N ALA B 144 -31.28 2.03 -4.69
CA ALA B 144 -30.98 3.46 -4.65
C ALA B 144 -29.70 3.70 -3.84
N ALA B 145 -29.02 4.81 -4.12
CA ALA B 145 -27.72 5.06 -3.50
C ALA B 145 -27.44 6.56 -3.29
N LEU B 146 -26.87 6.89 -2.14
CA LEU B 146 -26.59 8.28 -1.77
C LEU B 146 -25.10 8.59 -1.77
N GLY B 147 -24.74 9.77 -1.28
CA GLY B 147 -23.34 10.20 -1.29
C GLY B 147 -22.91 11.23 -0.26
N CYS B 148 -21.81 11.91 -0.56
CA CYS B 148 -21.21 12.90 0.34
C CYS B 148 -20.22 13.74 -0.46
N LEU B 149 -19.96 14.97 -0.01
CA LEU B 149 -19.11 15.89 -0.78
C LEU B 149 -18.14 16.72 0.07
N VAL B 150 -16.90 16.81 -0.41
CA VAL B 150 -15.85 17.62 0.23
C VAL B 150 -15.27 18.60 -0.79
N LYS B 151 -15.33 19.90 -0.50
CA LYS B 151 -14.99 20.91 -1.50
C LYS B 151 -14.03 21.99 -1.00
N ASP B 152 -13.23 22.54 -1.92
CA ASP B 152 -12.37 23.70 -1.68
C ASP B 152 -11.45 23.60 -0.47
N TYR B 153 -10.64 22.55 -0.45
CA TYR B 153 -9.65 22.38 0.61
C TYR B 153 -8.26 22.27 0.02
N PHE B 154 -7.27 22.32 0.91
CA PHE B 154 -5.87 22.17 0.53
C PHE B 154 -5.05 21.94 1.79
N PRO B 155 -4.11 20.99 1.73
CA PRO B 155 -3.86 20.14 0.57
C PRO B 155 -4.40 18.73 0.77
N GLU B 156 -3.86 17.79 0.00
CA GLU B 156 -4.19 16.38 0.13
C GLU B 156 -3.62 15.84 1.44
N PRO B 157 -4.23 14.80 2.00
CA PRO B 157 -5.46 14.16 1.52
C PRO B 157 -6.61 14.33 2.51
N VAL B 158 -7.77 13.80 2.13
CA VAL B 158 -8.88 13.63 3.05
C VAL B 158 -9.32 12.18 2.99
N THR B 159 -9.86 11.67 4.08
CA THR B 159 -10.37 10.31 4.11
C THR B 159 -11.81 10.30 4.60
N VAL B 160 -12.71 9.81 3.76
CA VAL B 160 -14.12 9.76 4.12
C VAL B 160 -14.47 8.40 4.71
N SER B 161 -14.96 8.41 5.95
CA SER B 161 -15.49 7.20 6.56
C SER B 161 -17.01 7.23 6.46
N TRP B 162 -17.64 6.10 6.79
CA TRP B 162 -19.10 6.03 6.79
C TRP B 162 -19.59 5.29 8.04
N ASN B 163 -20.57 5.89 8.72
CA ASN B 163 -21.10 5.35 9.98
C ASN B 163 -20.02 5.16 11.04
N SER B 164 -18.92 5.90 10.89
CA SER B 164 -17.75 5.78 11.76
C SER B 164 -17.18 4.36 11.81
N GLY B 165 -17.36 3.60 10.74
CA GLY B 165 -16.75 2.29 10.62
C GLY B 165 -17.62 1.14 10.14
N ALA B 166 -18.93 1.24 10.34
CA ALA B 166 -19.84 0.11 10.12
C ALA B 166 -20.06 -0.30 8.66
N LEU B 167 -19.32 0.32 7.74
CA LEU B 167 -19.54 0.07 6.31
C LEU B 167 -18.31 -0.47 5.58
N THR B 168 -18.58 -1.21 4.49
CA THR B 168 -17.54 -1.71 3.59
C THR B 168 -18.17 -2.24 2.31
N SER B 169 -19.32 -2.88 2.46
CA SER B 169 -19.97 -3.59 1.35
C SER B 169 -20.75 -2.67 0.41
N GLY B 170 -20.06 -1.74 -0.23
CA GLY B 170 -20.68 -0.86 -1.21
C GLY B 170 -20.16 0.55 -1.24
N VAL B 171 -19.07 0.80 -0.53
CA VAL B 171 -18.49 2.15 -0.46
C VAL B 171 -17.57 2.39 -1.66
N HIS B 172 -17.57 3.62 -2.17
CA HIS B 172 -16.75 3.97 -3.32
C HIS B 172 -16.33 5.44 -3.29
N THR B 173 -15.14 5.69 -2.77
CA THR B 173 -14.62 7.05 -2.65
C THR B 173 -13.90 7.47 -3.93
N PHE B 174 -14.20 8.67 -4.42
CA PHE B 174 -13.61 9.17 -5.66
C PHE B 174 -12.41 10.07 -5.43
N PRO B 175 -11.45 10.06 -6.36
CA PRO B 175 -10.29 10.97 -6.32
C PRO B 175 -10.73 12.43 -6.33
N ALA B 176 -9.85 13.32 -5.89
CA ALA B 176 -10.17 14.74 -5.82
C ALA B 176 -9.82 15.47 -7.11
N VAL B 177 -10.58 16.52 -7.41
CA VAL B 177 -10.27 17.38 -8.55
C VAL B 177 -9.35 18.51 -8.09
N LEU B 178 -8.56 19.06 -9.01
CA LEU B 178 -7.73 20.21 -8.72
C LEU B 178 -8.21 21.45 -9.47
N GLN B 179 -8.87 22.36 -8.76
CA GLN B 179 -9.36 23.60 -9.32
C GLN B 179 -8.20 24.53 -9.70
N SER B 180 -8.49 25.50 -10.56
CA SER B 180 -7.47 26.46 -11.00
C SER B 180 -7.12 27.45 -9.89
N SER B 181 -7.98 27.53 -8.88
CA SER B 181 -7.73 28.36 -7.72
C SER B 181 -6.59 27.78 -6.88
N GLY B 182 -6.33 26.49 -7.07
CA GLY B 182 -5.28 25.82 -6.33
C GLY B 182 -5.82 25.00 -5.17
N LEU B 183 -7.10 24.65 -5.25
CA LEU B 183 -7.78 23.93 -4.18
C LEU B 183 -8.32 22.59 -4.66
N TYR B 184 -8.57 21.69 -3.72
CA TYR B 184 -9.07 20.35 -4.05
C TYR B 184 -10.55 20.20 -3.70
N SER B 185 -11.23 19.30 -4.41
CA SER B 185 -12.62 19.01 -4.17
C SER B 185 -12.86 17.52 -4.35
N LEU B 186 -13.49 16.88 -3.39
CA LEU B 186 -13.58 15.42 -3.39
C LEU B 186 -14.99 14.90 -3.12
N SER B 187 -15.33 13.74 -3.69
CA SER B 187 -16.65 13.16 -3.50
C SER B 187 -16.58 11.68 -3.12
N SER B 188 -17.65 11.19 -2.47
CA SER B 188 -17.75 9.79 -2.07
C SER B 188 -19.21 9.33 -2.08
N VAL B 189 -19.41 8.02 -2.27
CA VAL B 189 -20.75 7.45 -2.34
C VAL B 189 -20.84 6.05 -1.74
N VAL B 190 -22.05 5.51 -1.69
CA VAL B 190 -22.30 4.16 -1.17
C VAL B 190 -23.48 3.50 -1.88
N THR B 191 -24.08 2.49 -1.26
CA THR B 191 -25.24 1.81 -1.82
C THR B 191 -26.04 1.09 -0.73
N VAL B 192 -27.36 1.02 -0.92
CA VAL B 192 -28.24 0.34 0.02
C VAL B 192 -29.50 -0.18 -0.68
N PRO B 193 -30.21 -1.13 -0.05
CA PRO B 193 -31.53 -1.50 -0.59
C PRO B 193 -32.52 -0.37 -0.39
N SER B 194 -33.48 -0.23 -1.31
CA SER B 194 -34.44 0.86 -1.24
C SER B 194 -35.51 0.64 -0.15
N SER B 195 -35.34 -0.43 0.62
CA SER B 195 -36.24 -0.72 1.73
C SER B 195 -35.59 -0.41 3.06
N SER B 196 -34.37 0.13 2.99
CA SER B 196 -33.62 0.53 4.17
C SER B 196 -33.50 2.04 4.23
N LEU B 197 -34.59 2.73 3.93
CA LEU B 197 -34.62 4.19 3.90
C LEU B 197 -34.44 4.79 5.30
N GLY B 198 -35.53 4.84 6.05
CA GLY B 198 -35.50 5.37 7.41
C GLY B 198 -35.27 4.28 8.44
N THR B 199 -34.36 3.36 8.12
CA THR B 199 -34.04 2.25 9.03
C THR B 199 -32.80 2.56 9.86
N GLN B 200 -31.76 3.09 9.20
CA GLN B 200 -30.54 3.48 9.89
C GLN B 200 -30.09 4.89 9.53
N THR B 201 -29.88 5.72 10.53
CA THR B 201 -29.36 7.07 10.31
C THR B 201 -27.89 7.01 9.91
N TYR B 202 -27.49 7.89 8.99
CA TYR B 202 -26.15 7.81 8.41
C TYR B 202 -25.29 9.05 8.66
N ILE B 203 -23.99 8.84 8.79
CA ILE B 203 -23.03 9.91 9.02
C ILE B 203 -21.71 9.59 8.32
N CYS B 204 -21.20 10.53 7.54
CA CYS B 204 -19.88 10.37 6.92
C CYS B 204 -18.85 11.28 7.61
N ASN B 205 -17.79 10.67 8.13
CA ASN B 205 -16.73 11.42 8.78
C ASN B 205 -15.65 11.85 7.80
N VAL B 206 -15.38 13.15 7.74
CA VAL B 206 -14.37 13.69 6.84
C VAL B 206 -13.21 14.29 7.64
N ASN B 207 -12.05 13.66 7.56
CA ASN B 207 -10.87 14.16 8.27
C ASN B 207 -9.80 14.72 7.34
N HIS B 208 -9.57 16.02 7.42
CA HIS B 208 -8.45 16.65 6.74
C HIS B 208 -7.39 16.97 7.78
N LYS B 209 -6.56 15.98 8.07
CA LYS B 209 -5.55 16.06 9.13
C LYS B 209 -4.58 17.25 9.05
N PRO B 210 -4.10 17.61 7.84
CA PRO B 210 -3.24 18.80 7.74
C PRO B 210 -3.82 20.07 8.37
N SER B 211 -5.09 20.34 8.10
CA SER B 211 -5.77 21.47 8.73
C SER B 211 -6.42 21.02 10.04
N ASN B 212 -6.35 19.72 10.29
CA ASN B 212 -6.98 19.09 11.45
C ASN B 212 -8.47 19.43 11.54
N THR B 213 -9.24 18.91 10.59
CA THR B 213 -10.68 19.13 10.54
C THR B 213 -11.43 17.81 10.63
N LYS B 214 -12.23 17.65 11.69
CA LYS B 214 -13.03 16.45 11.88
C LYS B 214 -14.51 16.79 11.94
N VAL B 215 -15.19 16.66 10.80
CA VAL B 215 -16.57 17.09 10.65
C VAL B 215 -17.44 16.01 10.02
N ASP B 216 -18.66 15.85 10.53
CA ASP B 216 -19.60 14.89 10.00
C ASP B 216 -20.73 15.61 9.26
N LYS B 217 -21.61 14.83 8.63
CA LYS B 217 -22.81 15.38 7.98
C LYS B 217 -23.79 14.27 7.61
N LYS B 218 -25.04 14.41 8.06
CA LYS B 218 -26.09 13.43 7.77
C LYS B 218 -26.71 13.74 6.40
N VAL B 219 -27.53 12.82 5.89
CA VAL B 219 -28.30 13.07 4.68
C VAL B 219 -29.79 13.30 5.01
N ILE C 2 25.40 0.65 -7.81
CA ILE C 2 24.74 -0.32 -8.66
C ILE C 2 23.35 0.14 -9.11
N GLU C 3 22.95 -0.24 -10.32
CA GLU C 3 21.66 0.17 -10.86
C GLU C 3 20.85 -0.99 -11.43
N LEU C 4 19.53 -0.79 -11.50
CA LEU C 4 18.61 -1.81 -11.99
C LEU C 4 17.67 -1.24 -13.06
N THR C 5 17.64 -1.89 -14.21
CA THR C 5 16.81 -1.42 -15.33
C THR C 5 15.66 -2.38 -15.60
N GLN C 6 14.45 -1.84 -15.57
CA GLN C 6 13.26 -2.62 -15.90
C GLN C 6 12.64 -2.05 -17.16
N PRO C 7 11.88 -2.89 -17.88
CA PRO C 7 11.07 -2.34 -18.97
C PRO C 7 9.96 -1.47 -18.38
N PRO C 8 9.75 -0.27 -18.94
CA PRO C 8 8.75 0.65 -18.40
C PRO C 8 7.35 0.03 -18.39
N SER C 9 7.06 -0.80 -19.39
CA SER C 9 5.75 -1.39 -19.52
C SER C 9 5.81 -2.78 -20.15
N VAL C 10 4.95 -3.67 -19.68
CA VAL C 10 4.83 -5.03 -20.22
C VAL C 10 3.35 -5.39 -20.30
N SER C 11 2.94 -5.97 -21.41
CA SER C 11 1.55 -6.34 -21.60
C SER C 11 1.43 -7.78 -22.09
N VAL C 12 0.50 -8.54 -21.51
CA VAL C 12 0.31 -9.94 -21.89
C VAL C 12 -1.15 -10.38 -21.87
N VAL C 13 -1.46 -11.42 -22.64
CA VAL C 13 -2.81 -11.98 -22.71
C VAL C 13 -3.04 -12.97 -21.56
N PRO C 14 -4.23 -12.92 -20.93
CA PRO C 14 -4.55 -13.77 -19.78
C PRO C 14 -4.38 -15.25 -20.06
N GLY C 15 -3.89 -15.99 -19.08
CA GLY C 15 -3.64 -17.42 -19.25
C GLY C 15 -2.22 -17.70 -19.65
N GLN C 16 -1.60 -16.77 -20.38
CA GLN C 16 -0.21 -16.90 -20.79
C GLN C 16 0.74 -16.21 -19.81
N THR C 17 1.98 -16.68 -19.78
CA THR C 17 2.96 -16.21 -18.80
C THR C 17 3.47 -14.80 -19.08
N ALA C 18 3.91 -14.12 -18.03
CA ALA C 18 4.48 -12.78 -18.15
C ALA C 18 5.89 -12.75 -17.56
N ARG C 19 6.80 -12.05 -18.24
CA ARG C 19 8.18 -11.95 -17.77
C ARG C 19 8.65 -10.50 -17.64
N ILE C 20 9.10 -10.16 -16.44
CA ILE C 20 9.64 -8.83 -16.18
C ILE C 20 11.13 -8.92 -15.84
N SER C 21 11.96 -8.28 -16.64
CA SER C 21 13.41 -8.40 -16.50
C SER C 21 13.96 -7.29 -15.61
N CYS C 22 15.05 -7.60 -14.91
CA CYS C 22 15.71 -6.62 -14.07
C CYS C 22 17.22 -6.65 -14.34
N SER C 23 17.67 -5.71 -15.16
CA SER C 23 19.06 -5.69 -15.61
C SER C 23 19.93 -4.78 -14.74
N GLY C 24 21.07 -5.31 -14.31
CA GLY C 24 22.04 -4.55 -13.56
C GLY C 24 23.40 -5.24 -13.63
N ASP C 25 24.44 -4.55 -13.17
CA ASP C 25 25.80 -5.12 -13.20
C ASP C 25 25.90 -6.36 -12.31
N ASN C 26 26.41 -6.16 -11.10
CA ASN C 26 26.45 -7.26 -10.13
C ASN C 26 25.35 -7.13 -9.09
N ILE C 27 24.21 -7.75 -9.38
CA ILE C 27 23.13 -7.84 -8.42
C ILE C 27 23.38 -9.08 -7.58
N PRO C 28 24.04 -8.88 -6.42
CA PRO C 28 24.71 -9.89 -5.58
C PRO C 28 24.28 -11.34 -5.82
N TYR C 29 23.16 -11.73 -5.23
CA TYR C 29 22.55 -13.05 -5.43
C TYR C 29 21.22 -13.10 -4.70
N GLU C 30 21.28 -13.24 -3.39
CA GLU C 30 20.09 -13.34 -2.56
C GLU C 30 19.57 -11.98 -2.09
N TYR C 31 20.25 -10.91 -2.50
CA TYR C 31 19.87 -9.58 -2.03
C TYR C 31 18.66 -9.05 -2.82
N ALA C 32 18.33 -9.74 -3.91
CA ALA C 32 17.27 -9.29 -4.82
C ALA C 32 15.88 -9.50 -4.24
N SER C 33 14.93 -8.69 -4.70
CA SER C 33 13.55 -8.80 -4.26
C SER C 33 12.61 -8.30 -5.34
N TRP C 34 11.40 -8.81 -5.36
CA TRP C 34 10.36 -8.31 -6.26
C TRP C 34 9.15 -7.85 -5.44
N TYR C 35 8.56 -6.72 -5.84
CA TYR C 35 7.39 -6.18 -5.13
C TYR C 35 6.24 -5.93 -6.09
N GLN C 36 5.02 -6.04 -5.59
CA GLN C 36 3.82 -5.72 -6.36
C GLN C 36 3.16 -4.50 -5.76
N GLN C 37 2.76 -3.54 -6.60
CA GLN C 37 2.11 -2.33 -6.09
C GLN C 37 0.86 -1.95 -6.87
N LYS C 38 -0.28 -2.41 -6.39
CA LYS C 38 -1.57 -1.97 -6.91
C LYS C 38 -1.82 -0.54 -6.44
N PRO C 39 -2.43 0.29 -7.31
CA PRO C 39 -2.63 1.75 -7.21
C PRO C 39 -2.26 2.40 -5.86
N GLY C 40 -3.25 2.64 -5.01
CA GLY C 40 -3.02 3.36 -3.76
C GLY C 40 -2.65 2.48 -2.59
N GLN C 41 -1.67 1.61 -2.78
CA GLN C 41 -1.22 0.71 -1.72
C GLN C 41 0.28 0.79 -1.50
N ALA C 42 0.73 0.22 -0.39
CA ALA C 42 2.16 0.01 -0.16
C ALA C 42 2.58 -1.22 -0.95
N PRO C 43 3.85 -1.30 -1.33
CA PRO C 43 4.34 -2.46 -2.09
C PRO C 43 4.16 -3.77 -1.34
N VAL C 44 4.12 -4.89 -2.05
CA VAL C 44 4.01 -6.21 -1.43
C VAL C 44 5.13 -7.12 -1.91
N LEU C 45 5.97 -7.56 -0.98
CA LEU C 45 7.07 -8.47 -1.32
C LEU C 45 6.49 -9.79 -1.83
N VAL C 46 6.80 -10.13 -3.07
CA VAL C 46 6.25 -11.33 -3.69
C VAL C 46 7.29 -12.44 -3.82
N ILE C 47 8.54 -12.05 -4.07
CA ILE C 47 9.64 -12.99 -4.15
C ILE C 47 10.88 -12.38 -3.50
N TYR C 48 11.61 -13.16 -2.70
CA TYR C 48 12.81 -12.65 -2.07
C TYR C 48 14.03 -13.56 -2.27
N GLY C 49 15.14 -12.96 -2.70
CA GLY C 49 16.38 -13.68 -2.87
C GLY C 49 16.39 -14.71 -3.99
N ASP C 50 16.46 -15.98 -3.61
CA ASP C 50 16.53 -17.08 -4.56
C ASP C 50 15.21 -17.21 -5.32
N ASN C 51 14.40 -18.17 -4.92
CA ASN C 51 13.05 -18.32 -5.44
C ASN C 51 12.11 -18.59 -4.28
N ASN C 52 12.04 -17.63 -3.37
CA ASN C 52 11.21 -17.79 -2.19
C ASN C 52 10.00 -16.87 -2.21
N ARG C 53 8.81 -17.47 -2.08
CA ARG C 53 7.58 -16.71 -1.90
C ARG C 53 7.30 -16.60 -0.41
N PRO C 54 6.97 -15.39 0.06
CA PRO C 54 6.50 -15.26 1.43
C PRO C 54 5.19 -16.03 1.56
N SER C 55 4.95 -16.65 2.71
CA SER C 55 3.75 -17.44 2.89
C SER C 55 2.51 -16.56 2.74
N GLY C 56 1.76 -16.78 1.67
CA GLY C 56 0.62 -15.95 1.34
C GLY C 56 0.63 -15.50 -0.12
N ILE C 57 1.78 -15.66 -0.78
CA ILE C 57 1.91 -15.31 -2.19
C ILE C 57 1.65 -16.53 -3.08
N PRO C 58 0.76 -16.36 -4.09
CA PRO C 58 0.38 -17.42 -5.03
C PRO C 58 1.56 -18.16 -5.67
N GLU C 59 1.36 -19.42 -6.02
CA GLU C 59 2.44 -20.26 -6.55
C GLU C 59 2.79 -19.95 -8.01
N ARG C 60 2.03 -19.04 -8.62
CA ARG C 60 2.25 -18.69 -10.01
C ARG C 60 3.40 -17.70 -10.18
N PHE C 61 3.82 -17.10 -9.08
CA PHE C 61 4.96 -16.19 -9.08
C PHE C 61 6.29 -16.94 -8.90
N SER C 62 7.18 -16.81 -9.88
CA SER C 62 8.49 -17.45 -9.84
C SER C 62 9.61 -16.42 -10.04
N GLY C 63 10.77 -16.69 -9.45
CA GLY C 63 11.93 -15.83 -9.58
C GLY C 63 13.08 -16.56 -10.23
N SER C 64 13.79 -15.86 -11.11
CA SER C 64 14.87 -16.49 -11.87
C SER C 64 16.03 -15.54 -12.07
N ASN C 65 17.23 -16.10 -12.27
CA ASN C 65 18.41 -15.30 -12.54
C ASN C 65 19.39 -16.05 -13.44
N SER C 66 19.99 -15.32 -14.37
CA SER C 66 21.00 -15.90 -15.24
C SER C 66 22.29 -15.10 -15.13
N GLY C 67 22.58 -14.31 -16.16
CA GLY C 67 23.76 -13.46 -16.15
C GLY C 67 23.54 -12.23 -15.29
N ASN C 68 23.32 -11.09 -15.95
CA ASN C 68 23.14 -9.83 -15.25
C ASN C 68 21.67 -9.46 -15.09
N THR C 69 20.78 -10.42 -15.33
CA THR C 69 19.35 -10.14 -15.36
C THR C 69 18.54 -11.04 -14.43
N ALA C 70 17.75 -10.43 -13.55
CA ALA C 70 16.78 -11.16 -12.76
C ALA C 70 15.42 -11.07 -13.47
N THR C 71 14.57 -12.08 -13.28
CA THR C 71 13.31 -12.11 -14.00
C THR C 71 12.16 -12.70 -13.18
N LEU C 72 11.17 -11.87 -12.87
CA LEU C 72 9.96 -12.34 -12.23
C LEU C 72 9.07 -13.00 -13.29
N THR C 73 8.66 -14.24 -13.03
CA THR C 73 7.82 -14.97 -13.98
C THR C 73 6.47 -15.28 -13.36
N ILE C 74 5.41 -15.11 -14.16
CA ILE C 74 4.04 -15.35 -13.70
C ILE C 74 3.31 -16.36 -14.57
N SER C 75 3.21 -17.59 -14.09
CA SER C 75 2.52 -18.64 -14.83
C SER C 75 1.02 -18.41 -14.79
N GLY C 76 0.37 -18.54 -15.95
CA GLY C 76 -1.07 -18.37 -16.05
C GLY C 76 -1.54 -17.05 -15.47
N THR C 77 -1.12 -15.96 -16.10
CA THR C 77 -1.38 -14.61 -15.58
C THR C 77 -2.88 -14.31 -15.47
N GLN C 78 -3.29 -13.84 -14.30
CA GLN C 78 -4.68 -13.46 -14.07
C GLN C 78 -4.85 -11.96 -14.23
N ALA C 79 -6.10 -11.52 -14.39
CA ALA C 79 -6.38 -10.11 -14.63
C ALA C 79 -6.09 -9.25 -13.40
N GLU C 80 -6.07 -9.86 -12.23
CA GLU C 80 -5.80 -9.14 -10.99
C GLU C 80 -4.31 -9.00 -10.71
N ASP C 81 -3.48 -9.38 -11.68
CA ASP C 81 -2.04 -9.22 -11.55
C ASP C 81 -1.58 -7.94 -12.22
N GLU C 82 -2.53 -7.18 -12.76
CA GLU C 82 -2.22 -5.88 -13.35
C GLU C 82 -1.81 -4.89 -12.28
N ALA C 83 -0.51 -4.59 -12.22
CA ALA C 83 0.01 -3.67 -11.22
C ALA C 83 1.40 -3.20 -11.62
N ASP C 84 1.95 -2.28 -10.84
CA ASP C 84 3.33 -1.85 -11.07
C ASP C 84 4.29 -2.77 -10.32
N TYR C 85 5.22 -3.36 -11.04
CA TYR C 85 6.17 -4.30 -10.44
C TYR C 85 7.56 -3.71 -10.30
N TYR C 86 8.11 -3.80 -9.10
CA TYR C 86 9.44 -3.29 -8.85
C TYR C 86 10.39 -4.40 -8.44
N CYS C 87 11.65 -4.26 -8.84
CA CYS C 87 12.71 -5.10 -8.31
C CYS C 87 13.61 -4.23 -7.43
N ALA C 88 14.28 -4.85 -6.48
CA ALA C 88 15.20 -4.13 -5.60
C ALA C 88 16.30 -5.02 -5.07
N SER C 89 17.37 -4.40 -4.58
CA SER C 89 18.50 -5.13 -4.03
C SER C 89 19.34 -4.23 -3.14
N TRP C 90 20.51 -4.73 -2.77
CA TRP C 90 21.46 -3.99 -1.95
C TRP C 90 22.82 -3.98 -2.65
N ASP C 91 23.50 -2.85 -2.60
CA ASP C 91 24.84 -2.73 -3.16
C ASP C 91 25.81 -3.54 -2.30
N SER C 92 26.60 -4.39 -2.94
CA SER C 92 27.57 -5.22 -2.20
C SER C 92 28.72 -4.38 -1.64
N MET C 93 28.88 -3.17 -2.16
CA MET C 93 29.95 -2.28 -1.74
C MET C 93 29.51 -1.29 -0.68
N THR C 94 28.52 -0.46 -1.02
CA THR C 94 28.07 0.61 -0.14
C THR C 94 26.95 0.19 0.81
N VAL C 95 26.39 -1.00 0.58
CA VAL C 95 25.21 -1.49 1.30
C VAL C 95 24.04 -0.50 1.16
N ASP C 96 23.96 0.15 0.00
CA ASP C 96 22.85 1.01 -0.34
C ASP C 96 21.72 0.19 -0.93
N GLY C 97 20.49 0.45 -0.50
CA GLY C 97 19.33 -0.17 -1.12
C GLY C 97 18.95 0.57 -2.39
N VAL C 98 18.62 -0.19 -3.43
CA VAL C 98 18.37 0.42 -4.74
C VAL C 98 17.20 -0.24 -5.44
N PHE C 99 16.22 0.56 -5.83
CA PHE C 99 15.04 0.07 -6.51
C PHE C 99 15.12 0.19 -8.04
N GLY C 100 14.35 -0.62 -8.75
CA GLY C 100 14.28 -0.49 -10.20
C GLY C 100 13.26 0.59 -10.52
N GLY C 101 13.19 0.95 -11.80
CA GLY C 101 12.29 2.00 -12.23
C GLY C 101 10.83 1.62 -12.10
N GLY C 102 10.54 0.33 -12.21
CA GLY C 102 9.18 -0.17 -12.12
C GLY C 102 8.61 -0.57 -13.47
N THR C 103 7.73 -1.57 -13.46
CA THR C 103 7.10 -2.05 -14.69
C THR C 103 5.59 -2.17 -14.55
N LYS C 104 4.87 -1.35 -15.31
CA LYS C 104 3.42 -1.41 -15.37
C LYS C 104 3.01 -2.66 -16.15
N LEU C 105 2.40 -3.62 -15.46
CA LEU C 105 1.89 -4.80 -16.14
C LEU C 105 0.47 -4.54 -16.62
N THR C 106 0.26 -4.69 -17.93
CA THR C 106 -1.06 -4.42 -18.50
C THR C 106 -1.63 -5.71 -19.08
N VAL C 107 -2.56 -6.33 -18.35
CA VAL C 107 -3.20 -7.55 -18.83
C VAL C 107 -4.22 -7.21 -19.91
N LEU C 108 -4.00 -7.77 -21.11
CA LEU C 108 -4.84 -7.48 -22.27
C LEU C 108 -6.17 -8.22 -22.22
N GLY C 109 -7.08 -7.87 -23.13
CA GLY C 109 -8.34 -8.58 -23.25
C GLY C 109 -9.42 -8.15 -22.28
N GLN C 110 -9.20 -7.05 -21.57
CA GLN C 110 -10.23 -6.52 -20.69
C GLN C 110 -11.39 -5.96 -21.51
N PRO C 111 -12.57 -6.58 -21.39
CA PRO C 111 -13.75 -6.24 -22.21
C PRO C 111 -14.16 -4.77 -22.08
N LYS C 112 -14.73 -4.22 -23.15
CA LYS C 112 -15.22 -2.84 -23.17
C LYS C 112 -16.32 -2.66 -22.12
N ALA C 113 -16.30 -1.53 -21.43
CA ALA C 113 -17.28 -1.27 -20.37
C ALA C 113 -17.87 0.14 -20.45
N ALA C 114 -19.18 0.23 -20.30
CA ALA C 114 -19.86 1.52 -20.29
C ALA C 114 -19.89 2.09 -18.87
N PRO C 115 -19.83 3.42 -18.73
CA PRO C 115 -19.83 4.08 -17.43
C PRO C 115 -21.16 3.95 -16.68
N SER C 116 -21.09 3.70 -15.38
CA SER C 116 -22.29 3.75 -14.54
C SER C 116 -22.35 5.13 -13.90
N VAL C 117 -22.96 6.07 -14.62
CA VAL C 117 -22.91 7.48 -14.26
C VAL C 117 -24.04 7.93 -13.33
N THR C 118 -23.67 8.70 -12.29
CA THR C 118 -24.63 9.28 -11.36
C THR C 118 -24.46 10.80 -11.31
N LEU C 119 -25.55 11.53 -11.10
CA LEU C 119 -25.51 12.98 -11.06
C LEU C 119 -26.23 13.53 -9.83
N PHE C 120 -25.50 14.31 -9.03
CA PHE C 120 -26.05 14.90 -7.81
C PHE C 120 -26.14 16.43 -7.91
N PRO C 121 -27.34 16.98 -7.64
CA PRO C 121 -27.61 18.42 -7.66
C PRO C 121 -27.21 19.10 -6.35
N PRO C 122 -27.14 20.43 -6.33
CA PRO C 122 -26.81 21.21 -5.12
C PRO C 122 -27.71 20.85 -3.93
N SER C 123 -27.24 21.15 -2.72
CA SER C 123 -27.90 20.70 -1.49
C SER C 123 -28.66 21.82 -0.78
N SER C 124 -29.46 21.44 0.22
CA SER C 124 -30.29 22.40 0.95
C SER C 124 -29.51 23.21 1.98
N GLU C 125 -28.23 22.90 2.13
CA GLU C 125 -27.37 23.62 3.07
C GLU C 125 -26.46 24.60 2.32
N GLU C 126 -26.13 24.25 1.07
CA GLU C 126 -25.16 25.01 0.29
C GLU C 126 -25.66 26.38 -0.14
N LEU C 127 -26.73 26.42 -0.95
CA LEU C 127 -27.18 27.66 -1.60
C LEU C 127 -27.53 28.83 -0.68
N GLN C 128 -27.24 28.68 0.61
CA GLN C 128 -27.41 29.75 1.57
C GLN C 128 -26.11 30.51 1.73
N ALA C 129 -25.18 30.26 0.82
CA ALA C 129 -23.89 30.94 0.79
C ALA C 129 -23.49 31.30 -0.63
N ASN C 130 -24.49 31.59 -1.47
CA ASN C 130 -24.29 31.97 -2.87
C ASN C 130 -23.69 30.88 -3.77
N LYS C 131 -23.72 29.64 -3.28
CA LYS C 131 -23.33 28.45 -4.04
C LYS C 131 -23.72 27.23 -3.18
N ALA C 132 -24.28 26.14 -3.72
CA ALA C 132 -24.46 25.71 -5.14
C ALA C 132 -23.25 25.09 -5.85
N THR C 133 -23.37 23.80 -6.14
CA THR C 133 -22.31 23.00 -6.75
C THR C 133 -22.90 21.77 -7.45
N LEU C 134 -22.49 21.52 -8.69
CA LEU C 134 -22.90 20.33 -9.42
C LEU C 134 -21.82 19.27 -9.40
N VAL C 135 -22.20 18.01 -9.60
CA VAL C 135 -21.23 16.92 -9.67
C VAL C 135 -21.49 15.99 -10.84
N CYS C 136 -20.64 14.96 -10.97
CA CYS C 136 -20.77 13.96 -12.02
C CYS C 136 -19.88 12.78 -11.67
N LEU C 137 -20.48 11.63 -11.39
CA LEU C 137 -19.74 10.46 -10.92
C LEU C 137 -19.74 9.34 -11.97
N ILE C 138 -18.54 8.91 -12.37
CA ILE C 138 -18.38 7.99 -13.49
C ILE C 138 -17.64 6.72 -13.07
N SER C 139 -18.36 5.62 -12.92
CA SER C 139 -17.76 4.39 -12.39
C SER C 139 -17.78 3.20 -13.35
N ASP C 140 -16.74 2.37 -13.26
CA ASP C 140 -16.65 1.09 -13.97
C ASP C 140 -16.73 1.21 -15.50
N PHE C 141 -15.75 1.87 -16.09
CA PHE C 141 -15.65 1.92 -17.54
C PHE C 141 -14.24 1.59 -18.03
N TYR C 142 -14.14 1.05 -19.24
CA TYR C 142 -12.87 0.63 -19.81
C TYR C 142 -12.94 0.66 -21.33
N PRO C 143 -11.87 1.13 -21.99
CA PRO C 143 -10.63 1.67 -21.43
C PRO C 143 -10.80 3.05 -20.79
N GLY C 144 -10.03 3.31 -19.74
CA GLY C 144 -10.13 4.55 -19.00
C GLY C 144 -9.74 5.79 -19.78
N ALA C 145 -10.68 6.31 -20.56
CA ALA C 145 -10.47 7.53 -21.34
C ALA C 145 -11.82 8.10 -21.74
N VAL C 146 -12.12 9.31 -21.29
CA VAL C 146 -13.45 9.87 -21.49
C VAL C 146 -13.46 11.42 -21.54
N THR C 147 -14.29 11.97 -22.41
CA THR C 147 -14.51 13.40 -22.48
C THR C 147 -15.91 13.75 -21.99
N VAL C 148 -15.98 14.60 -20.97
CA VAL C 148 -17.26 15.00 -20.41
C VAL C 148 -17.70 16.35 -20.96
N ALA C 149 -18.68 16.33 -21.86
CA ALA C 149 -19.26 17.55 -22.39
C ALA C 149 -20.44 17.98 -21.52
N TRP C 150 -20.65 19.29 -21.42
CA TRP C 150 -21.71 19.81 -20.58
C TRP C 150 -22.80 20.49 -21.39
N LYS C 151 -24.00 20.55 -20.83
CA LYS C 151 -25.11 21.26 -21.44
C LYS C 151 -25.93 22.01 -20.39
N ALA C 152 -25.95 23.34 -20.50
CA ALA C 152 -26.80 24.16 -19.67
C ALA C 152 -28.21 24.14 -20.25
N ASP C 153 -28.82 22.95 -20.27
CA ASP C 153 -30.09 22.72 -20.95
C ASP C 153 -30.02 23.09 -22.43
N SER C 154 -29.63 22.12 -23.25
CA SER C 154 -29.53 22.25 -24.71
C SER C 154 -28.39 23.12 -25.24
N SER C 155 -27.65 23.77 -24.36
CA SER C 155 -26.52 24.61 -24.79
C SER C 155 -25.24 24.35 -24.00
N PRO C 156 -24.13 24.11 -24.73
CA PRO C 156 -22.82 23.77 -24.16
C PRO C 156 -22.22 24.87 -23.29
N VAL C 157 -21.19 24.52 -22.52
CA VAL C 157 -20.51 25.46 -21.65
C VAL C 157 -18.99 25.29 -21.73
N LYS C 158 -18.28 26.37 -22.07
CA LYS C 158 -16.83 26.32 -22.18
C LYS C 158 -16.14 26.63 -20.85
N ALA C 159 -16.49 27.76 -20.26
CA ALA C 159 -15.78 28.26 -19.08
C ALA C 159 -16.26 27.67 -17.76
N GLY C 160 -15.31 27.45 -16.84
CA GLY C 160 -15.62 27.02 -15.50
C GLY C 160 -15.76 25.52 -15.34
N VAL C 161 -15.09 24.75 -16.18
CA VAL C 161 -15.20 23.30 -16.14
C VAL C 161 -13.87 22.61 -15.83
N GLU C 162 -13.81 21.99 -14.66
CA GLU C 162 -12.65 21.18 -14.28
C GLU C 162 -13.06 19.73 -14.10
N THR C 163 -12.48 18.85 -14.91
CA THR C 163 -12.78 17.42 -14.85
C THR C 163 -11.52 16.59 -14.60
N THR C 164 -11.64 15.55 -13.78
CA THR C 164 -10.49 14.74 -13.39
C THR C 164 -10.08 13.74 -14.46
N THR C 165 -8.78 13.47 -14.52
CA THR C 165 -8.27 12.41 -15.38
C THR C 165 -8.66 11.07 -14.78
N PRO C 166 -9.03 10.10 -15.63
CA PRO C 166 -9.41 8.76 -15.18
C PRO C 166 -8.32 8.09 -14.34
N SER C 167 -8.70 7.10 -13.54
CA SER C 167 -7.75 6.40 -12.69
C SER C 167 -8.22 4.97 -12.39
N LYS C 168 -7.27 4.05 -12.21
CA LYS C 168 -7.60 2.65 -11.93
C LYS C 168 -8.44 2.51 -10.67
N GLN C 169 -9.53 1.76 -10.79
CA GLN C 169 -10.59 1.71 -9.78
C GLN C 169 -10.34 0.66 -8.70
N SER C 170 -11.39 0.32 -7.95
CA SER C 170 -11.29 -0.69 -6.90
C SER C 170 -10.97 -2.03 -7.54
N ASN C 171 -11.71 -2.36 -8.59
CA ASN C 171 -11.42 -3.54 -9.39
C ASN C 171 -10.21 -3.28 -10.31
N ASN C 172 -10.38 -3.51 -11.60
CA ASN C 172 -9.33 -3.23 -12.56
C ASN C 172 -9.76 -2.23 -13.64
N LYS C 173 -11.01 -1.80 -13.59
CA LYS C 173 -11.51 -0.77 -14.50
C LYS C 173 -11.09 0.62 -14.02
N TYR C 174 -11.63 1.65 -14.66
CA TYR C 174 -11.22 3.03 -14.36
C TYR C 174 -12.40 3.90 -13.94
N ALA C 175 -12.11 5.01 -13.28
CA ALA C 175 -13.15 5.96 -12.86
C ALA C 175 -12.67 7.40 -12.88
N ALA C 176 -13.62 8.34 -12.88
CA ALA C 176 -13.31 9.76 -12.88
C ALA C 176 -14.50 10.58 -12.42
N SER C 177 -14.39 11.90 -12.52
CA SER C 177 -15.47 12.80 -12.11
C SER C 177 -15.31 14.19 -12.72
N SER C 178 -16.40 14.93 -12.82
CA SER C 178 -16.37 16.27 -13.39
C SER C 178 -17.17 17.25 -12.53
N TYR C 179 -16.78 18.52 -12.58
CA TYR C 179 -17.40 19.52 -11.72
C TYR C 179 -17.81 20.79 -12.46
N LEU C 180 -18.77 21.51 -11.87
CA LEU C 180 -19.21 22.81 -12.35
C LEU C 180 -20.11 23.48 -11.32
N SER C 181 -19.54 24.39 -10.55
CA SER C 181 -20.29 25.11 -9.52
C SER C 181 -21.27 26.12 -10.14
N LEU C 182 -22.19 26.62 -9.33
CA LEU C 182 -23.18 27.58 -9.79
C LEU C 182 -23.57 28.56 -8.70
N THR C 183 -24.62 29.35 -8.98
CA THR C 183 -25.15 30.30 -8.02
C THR C 183 -26.66 30.10 -7.92
N PRO C 184 -27.26 30.48 -6.77
CA PRO C 184 -28.72 30.48 -6.63
C PRO C 184 -29.36 31.44 -7.63
N GLU C 185 -28.54 32.29 -8.23
CA GLU C 185 -28.97 33.20 -9.28
C GLU C 185 -28.84 32.53 -10.65
N GLN C 186 -28.64 31.21 -10.65
CA GLN C 186 -28.50 30.46 -11.90
C GLN C 186 -29.13 29.07 -11.88
N TRP C 187 -28.95 28.34 -10.78
CA TRP C 187 -29.41 26.95 -10.70
C TRP C 187 -30.93 26.77 -10.76
N LYS C 188 -31.65 27.47 -9.87
CA LYS C 188 -33.10 27.32 -9.77
C LYS C 188 -33.85 27.94 -10.95
N SER C 189 -33.30 27.82 -12.16
CA SER C 189 -33.89 28.45 -13.34
C SER C 189 -33.66 27.65 -14.62
N HIS C 190 -33.78 26.33 -14.52
CA HIS C 190 -33.69 25.45 -15.68
C HIS C 190 -34.35 24.10 -15.41
N TYR C 193 -30.50 19.79 -15.69
CA TYR C 193 -29.22 19.84 -16.40
C TYR C 193 -28.80 18.47 -16.91
N SER C 194 -27.94 18.47 -17.94
CA SER C 194 -27.47 17.23 -18.55
C SER C 194 -25.95 17.08 -18.45
N CYS C 195 -25.46 15.88 -18.73
CA CYS C 195 -24.05 15.55 -18.56
C CYS C 195 -23.55 14.62 -19.66
N GLN C 196 -23.12 15.21 -20.79
CA GLN C 196 -22.65 14.43 -21.92
C GLN C 196 -21.28 13.80 -21.66
N VAL C 197 -21.28 12.69 -20.93
CA VAL C 197 -20.06 11.95 -20.67
C VAL C 197 -19.84 10.93 -21.79
N THR C 198 -18.89 11.24 -22.68
CA THR C 198 -18.73 10.46 -23.91
C THR C 198 -17.45 9.64 -23.94
N HIS C 199 -17.59 8.34 -24.16
CA HIS C 199 -16.45 7.43 -24.25
C HIS C 199 -16.78 6.22 -25.12
N GLU C 200 -15.88 5.93 -26.06
CA GLU C 200 -16.03 4.80 -27.00
C GLU C 200 -17.40 4.74 -27.66
N GLY C 201 -17.91 5.90 -28.06
CA GLY C 201 -19.20 5.99 -28.73
C GLY C 201 -20.37 6.15 -27.78
N SER C 202 -20.47 5.25 -26.81
CA SER C 202 -21.60 5.21 -25.88
C SER C 202 -21.77 6.51 -25.09
N THR C 203 -22.39 7.51 -25.72
CA THR C 203 -22.66 8.78 -25.06
C THR C 203 -23.84 8.66 -24.10
N VAL C 204 -23.60 8.95 -22.83
CA VAL C 204 -24.65 8.84 -21.81
C VAL C 204 -24.88 10.19 -21.12
N GLU C 205 -26.13 10.48 -20.77
CA GLU C 205 -26.46 11.72 -20.07
C GLU C 205 -27.38 11.50 -18.88
N LYS C 206 -27.31 12.38 -17.90
CA LYS C 206 -28.15 12.29 -16.70
C LYS C 206 -28.87 13.61 -16.41
N THR C 207 -29.91 13.55 -15.58
CA THR C 207 -30.77 14.70 -15.32
C THR C 207 -31.37 14.59 -13.91
N VAL C 208 -32.04 15.65 -13.44
CA VAL C 208 -32.76 15.69 -12.16
C VAL C 208 -31.85 15.75 -10.94
#